data_5IVP
#
_entry.id   5IVP
#
_cell.length_a   74.861
_cell.length_b   44.507
_cell.length_c   108.231
_cell.angle_alpha   90.00
_cell.angle_beta   95.97
_cell.angle_gamma   90.00
#
_symmetry.space_group_name_H-M   'C 1 2 1'
#
loop_
_entity.id
_entity.type
_entity.pdbx_description
1 polymer 'Peptidyl-tRNA hydrolase'
2 non-polymer 'CITRATE ANION'
3 water water
#
_entity_poly.entity_id   1
_entity_poly.type   'polypeptide(L)'
_entity_poly.pdbx_seq_one_letter_code
;GAMVSQPIKLLVGLANPGPEYAKTRHNAGAWVVEELARIHNVTLKNEPKFFGLTGRLLINSQELRVLIPTTFMNLSGKAI
AALANFYQIKPEEIMVAHDELDLPPGVAKFKQGGGHGGHNGLKDTISKLGNNKEFYRLRLGIGHPGHKDKVAGYVLGKAP
AKEQE(2CO)LDAAVDESVRCLEILMKDGLTKAQNRLHTFKAE
;
_entity_poly.pdbx_strand_id   A,B
#
loop_
_chem_comp.id
_chem_comp.type
_chem_comp.name
_chem_comp.formula
FLC non-polymer 'CITRATE ANION' 'C6 H5 O7 -3'
#
# COMPACT_ATOMS: atom_id res chain seq x y z
N VAL A 4 13.53 0.00 -13.66
CA VAL A 4 14.38 1.16 -14.11
C VAL A 4 13.63 2.49 -13.80
N SER A 5 13.28 3.27 -14.84
CA SER A 5 13.19 4.74 -14.74
C SER A 5 12.07 5.33 -13.86
N GLN A 6 12.50 6.36 -13.15
CA GLN A 6 11.93 6.88 -11.95
C GLN A 6 12.95 8.03 -11.84
N PRO A 7 12.47 9.24 -11.55
CA PRO A 7 13.47 10.29 -11.55
C PRO A 7 13.99 10.68 -10.18
N ILE A 8 13.54 10.03 -9.09
CA ILE A 8 13.84 10.60 -7.74
C ILE A 8 15.11 10.03 -7.15
N LYS A 9 16.09 10.90 -6.87
CA LYS A 9 17.30 10.55 -6.08
C LYS A 9 17.36 11.10 -4.62
N LEU A 10 16.52 12.06 -4.31
CA LEU A 10 16.46 12.66 -2.99
C LEU A 10 15.01 12.95 -2.59
N LEU A 11 14.63 12.50 -1.40
CA LEU A 11 13.33 12.77 -0.80
C LEU A 11 13.61 13.62 0.47
N VAL A 12 12.99 14.78 0.55
CA VAL A 12 13.11 15.68 1.63
C VAL A 12 11.77 15.71 2.37
N GLY A 13 11.80 15.60 3.70
CA GLY A 13 10.55 15.79 4.48
C GLY A 13 10.65 17.09 5.23
N LEU A 14 9.82 18.07 4.85
CA LEU A 14 9.95 19.43 5.45
C LEU A 14 9.46 19.37 6.90
N ALA A 15 10.15 20.13 7.73
CA ALA A 15 9.90 20.19 9.17
C ALA A 15 10.27 21.53 9.86
N ASN A 16 9.63 21.83 11.00
CA ASN A 16 10.23 22.71 12.00
C ASN A 16 10.94 21.85 13.05
N PRO A 17 12.10 22.32 13.53
CA PRO A 17 12.98 21.49 14.39
C PRO A 17 12.57 21.43 15.84
N GLY A 18 12.82 20.26 16.43
CA GLY A 18 12.87 20.10 17.87
C GLY A 18 11.64 19.39 18.35
N PRO A 19 11.73 18.81 19.57
CA PRO A 19 10.70 17.90 20.10
C PRO A 19 9.25 18.45 20.17
N GLU A 20 9.05 19.73 20.52
CA GLU A 20 7.67 20.27 20.63
C GLU A 20 6.99 20.37 19.23
N TYR A 21 7.79 20.47 18.15
CA TYR A 21 7.24 20.50 16.75
C TYR A 21 6.98 19.15 16.09
N ALA A 22 7.52 18.10 16.68
CA ALA A 22 7.46 16.78 16.09
C ALA A 22 6.06 16.42 15.54
N LYS A 23 4.98 16.63 16.34
CA LYS A 23 3.56 16.31 15.96
C LYS A 23 2.65 17.52 15.59
N THR A 24 3.24 18.62 15.19
CA THR A 24 2.45 19.66 14.50
C THR A 24 2.23 19.34 13.03
N ARG A 25 1.09 19.80 12.52
CA ARG A 25 0.73 19.59 11.12
C ARG A 25 1.83 19.99 10.11
N HIS A 26 2.55 21.06 10.40
CA HIS A 26 3.59 21.63 9.49
C HIS A 26 4.78 20.62 9.32
N ASN A 27 4.84 19.57 10.16
CA ASN A 27 5.88 18.56 10.07
C ASN A 27 5.48 17.32 9.30
N ALA A 28 4.35 17.36 8.60
CA ALA A 28 3.82 16.16 7.95
C ALA A 28 4.81 15.52 6.97
N GLY A 29 5.56 16.32 6.23
CA GLY A 29 6.55 15.76 5.33
C GLY A 29 7.64 14.93 6.02
N ALA A 30 8.11 15.44 7.13
CA ALA A 30 9.10 14.80 7.96
C ALA A 30 8.54 13.47 8.42
N TRP A 31 7.24 13.37 8.69
CA TRP A 31 6.65 12.06 9.20
C TRP A 31 6.84 10.97 8.17
N VAL A 32 6.72 11.37 6.89
CA VAL A 32 6.84 10.43 5.77
C VAL A 32 8.24 9.87 5.69
N VAL A 33 9.21 10.78 5.66
CA VAL A 33 10.60 10.42 5.63
C VAL A 33 11.03 9.60 6.84
N GLU A 34 10.64 9.98 8.05
CA GLU A 34 10.98 9.15 9.19
C GLU A 34 10.43 7.74 9.10
N GLU A 35 9.18 7.57 8.68
CA GLU A 35 8.58 6.26 8.55
C GLU A 35 9.27 5.42 7.46
N LEU A 36 9.53 6.00 6.28
CA LEU A 36 10.25 5.29 5.26
C LEU A 36 11.61 4.86 5.76
N ALA A 37 12.29 5.77 6.42
CA ALA A 37 13.60 5.48 6.95
C ALA A 37 13.54 4.32 7.99
N ARG A 38 12.61 4.39 8.90
CA ARG A 38 12.37 3.30 9.89
C ARG A 38 12.11 1.92 9.28
N ILE A 39 11.18 1.84 8.36
CA ILE A 39 10.92 0.58 7.66
C ILE A 39 12.15 0.01 6.96
N HIS A 40 13.00 0.88 6.43
CA HIS A 40 14.23 0.45 5.78
C HIS A 40 15.46 0.37 6.65
N ASN A 41 15.29 0.46 7.96
CA ASN A 41 16.40 0.34 8.91
C ASN A 41 17.52 1.34 8.72
N VAL A 42 17.22 2.56 8.33
CA VAL A 42 18.28 3.56 8.23
C VAL A 42 18.18 4.47 9.42
N THR A 43 19.32 4.67 10.09
CA THR A 43 19.43 5.64 11.15
C THR A 43 19.83 6.93 10.48
N LEU A 44 19.06 7.97 10.72
CA LEU A 44 19.36 9.29 10.20
C LEU A 44 20.48 9.91 11.03
N LYS A 45 21.39 10.55 10.35
CA LYS A 45 22.56 11.13 10.98
C LYS A 45 22.49 12.65 10.88
N ASN A 46 22.80 13.37 11.96
CA ASN A 46 22.80 14.83 11.93
C ASN A 46 24.03 15.29 11.18
N GLU A 47 23.88 16.07 10.12
CA GLU A 47 25.03 16.58 9.43
C GLU A 47 24.88 18.09 9.37
N PRO A 48 25.52 18.80 10.29
CA PRO A 48 25.39 20.25 10.36
C PRO A 48 25.81 20.95 9.08
N LYS A 49 26.71 20.35 8.33
CA LYS A 49 27.07 20.87 7.01
C LYS A 49 25.85 20.90 6.07
N PHE A 50 24.86 20.01 6.27
CA PHE A 50 23.66 20.05 5.43
C PHE A 50 22.44 20.61 6.14
N PHE A 51 22.63 21.20 7.31
CA PHE A 51 21.55 21.73 8.15
C PHE A 51 20.39 20.73 8.26
N GLY A 52 20.68 19.49 8.55
CA GLY A 52 19.60 18.48 8.50
C GLY A 52 20.05 17.13 8.88
N LEU A 53 19.05 16.24 9.07
CA LEU A 53 19.24 14.84 9.28
C LEU A 53 19.24 14.14 7.94
N THR A 54 20.20 13.27 7.73
CA THR A 54 20.36 12.60 6.43
C THR A 54 20.48 11.07 6.52
N GLY A 55 20.16 10.43 5.41
CA GLY A 55 20.48 9.04 5.23
C GLY A 55 20.45 8.61 3.77
N ARG A 56 20.80 7.34 3.53
CA ARG A 56 20.74 6.72 2.23
C ARG A 56 20.07 5.38 2.36
N LEU A 57 19.02 5.16 1.58
CA LEU A 57 18.29 3.88 1.55
C LEU A 57 18.57 3.23 0.18
N LEU A 58 18.52 1.91 0.14
CA LEU A 58 18.56 1.19 -1.12
C LEU A 58 17.18 0.58 -1.23
N ILE A 59 16.43 0.91 -2.28
CA ILE A 59 15.07 0.40 -2.51
C ILE A 59 14.98 -0.13 -3.93
N ASN A 60 14.70 -1.43 -4.08
CA ASN A 60 14.70 -2.05 -5.42
C ASN A 60 15.93 -1.67 -6.22
N SER A 61 17.08 -1.84 -5.60
CA SER A 61 18.39 -1.52 -6.14
C SER A 61 18.59 -0.06 -6.58
N GLN A 62 17.71 0.85 -6.17
CA GLN A 62 17.91 2.29 -6.41
C GLN A 62 18.35 2.95 -5.11
N GLU A 63 19.37 3.80 -5.20
CA GLU A 63 19.79 4.60 -4.07
C GLU A 63 18.89 5.83 -3.92
N LEU A 64 18.32 5.96 -2.74
CA LEU A 64 17.50 7.09 -2.40
C LEU A 64 18.02 7.83 -1.19
N ARG A 65 18.43 9.08 -1.37
CA ARG A 65 18.85 9.88 -0.20
C ARG A 65 17.62 10.52 0.45
N VAL A 66 17.68 10.64 1.78
CA VAL A 66 16.64 11.34 2.53
C VAL A 66 17.21 12.43 3.38
N LEU A 67 16.38 13.41 3.67
CA LEU A 67 16.80 14.59 4.35
C LEU A 67 15.63 15.13 5.10
N ILE A 68 15.85 15.39 6.39
CA ILE A 68 14.93 16.19 7.21
C ILE A 68 15.67 17.43 7.70
N PRO A 69 15.34 18.61 7.16
CA PRO A 69 16.08 19.82 7.62
C PRO A 69 15.83 20.12 9.10
N THR A 70 16.85 20.67 9.76
CA THR A 70 16.73 21.15 11.10
C THR A 70 16.77 22.68 11.11
N THR A 71 16.64 23.33 9.93
CA THR A 71 16.47 24.77 9.85
C THR A 71 15.06 25.18 10.32
N PHE A 72 14.86 26.45 10.58
CA PHE A 72 13.49 26.97 10.49
C PHE A 72 12.85 26.54 9.18
N MET A 73 11.55 26.24 9.17
CA MET A 73 10.90 25.84 7.95
C MET A 73 11.16 26.84 6.81
N ASN A 74 11.14 28.14 7.10
CA ASN A 74 11.34 29.14 6.05
C ASN A 74 12.75 29.24 5.50
N LEU A 75 13.69 28.54 6.11
CA LEU A 75 15.05 28.42 5.59
C LEU A 75 15.36 26.99 5.10
N SER A 76 14.31 26.19 4.82
CA SER A 76 14.49 24.81 4.35
C SER A 76 15.43 24.67 3.13
N GLY A 77 15.49 25.68 2.26
CA GLY A 77 16.37 25.62 1.09
C GLY A 77 17.85 25.60 1.43
N LYS A 78 18.24 26.16 2.57
CA LYS A 78 19.63 26.05 3.07
C LYS A 78 20.06 24.58 3.09
N ALA A 79 19.20 23.75 3.66
CA ALA A 79 19.52 22.35 3.73
C ALA A 79 19.49 21.64 2.38
N ILE A 80 18.44 21.86 1.65
CA ILE A 80 18.21 21.08 0.47
C ILE A 80 19.28 21.43 -0.57
N ALA A 81 19.59 22.71 -0.68
CA ALA A 81 20.62 23.13 -1.69
C ALA A 81 22.03 22.60 -1.27
N ALA A 82 22.30 22.61 0.04
CA ALA A 82 23.59 22.14 0.53
C ALA A 82 23.80 20.67 0.18
N LEU A 83 22.80 19.86 0.45
CA LEU A 83 22.91 18.44 0.19
C LEU A 83 22.86 18.12 -1.35
N ALA A 84 21.87 18.71 -2.04
CA ALA A 84 21.74 18.62 -3.52
C ALA A 84 23.04 19.07 -4.23
N ASN A 85 23.66 20.14 -3.79
CA ASN A 85 24.93 20.58 -4.41
C ASN A 85 26.00 19.56 -4.15
N PHE A 86 26.04 19.01 -2.93
CA PHE A 86 27.14 18.16 -2.58
C PHE A 86 27.02 16.89 -3.43
N TYR A 87 25.81 16.41 -3.61
CA TYR A 87 25.64 15.11 -4.34
C TYR A 87 25.31 15.25 -5.82
N GLN A 88 25.23 16.48 -6.31
CA GLN A 88 24.85 16.79 -7.67
C GLN A 88 23.52 16.22 -8.13
N ILE A 89 22.53 16.48 -7.30
CA ILE A 89 21.17 16.12 -7.56
C ILE A 89 20.51 17.34 -8.12
N LYS A 90 19.87 17.17 -9.28
CA LYS A 90 19.18 18.25 -9.96
C LYS A 90 17.84 18.44 -9.31
N PRO A 91 17.26 19.65 -9.41
CA PRO A 91 15.96 19.90 -8.80
C PRO A 91 14.89 18.87 -9.21
N GLU A 92 14.90 18.48 -10.51
CA GLU A 92 13.93 17.57 -11.13
C GLU A 92 14.06 16.14 -10.61
N GLU A 93 15.16 15.85 -9.92
CA GLU A 93 15.36 14.56 -9.22
C GLU A 93 15.03 14.62 -7.70
N ILE A 94 14.44 15.71 -7.23
CA ILE A 94 14.15 15.86 -5.83
C ILE A 94 12.64 15.76 -5.66
N MET A 95 12.20 15.05 -4.61
CA MET A 95 10.84 15.08 -4.21
C MET A 95 10.75 15.64 -2.77
N VAL A 96 9.89 16.60 -2.57
CA VAL A 96 9.81 17.33 -1.32
C VAL A 96 8.43 17.00 -0.78
N ALA A 97 8.40 16.25 0.30
CA ALA A 97 7.18 16.01 1.07
C ALA A 97 6.84 17.14 2.02
N HIS A 98 5.58 17.53 2.02
CA HIS A 98 5.12 18.69 2.76
C HIS A 98 3.65 18.64 3.09
N ASP A 99 3.33 19.31 4.18
CA ASP A 99 1.97 19.60 4.56
C ASP A 99 1.26 20.41 3.48
N GLU A 100 0.01 20.02 3.18
CA GLU A 100 -0.77 20.65 2.08
C GLU A 100 -2.13 21.01 2.58
N LEU A 101 -2.28 22.30 2.77
CA LEU A 101 -3.56 22.87 3.13
C LEU A 101 -4.73 22.53 2.18
N ASP A 102 -4.43 22.34 0.90
CA ASP A 102 -5.48 22.23 -0.11
C ASP A 102 -6.00 20.83 -0.28
N LEU A 103 -5.54 19.88 0.54
CA LEU A 103 -6.09 18.55 0.61
C LEU A 103 -6.46 18.27 2.03
N PRO A 104 -7.50 17.44 2.26
CA PRO A 104 -7.96 17.14 3.62
C PRO A 104 -7.14 16.09 4.30
N PRO A 105 -7.24 16.06 5.61
CA PRO A 105 -6.58 14.98 6.33
C PRO A 105 -6.97 13.65 5.76
N GLY A 106 -6.01 12.75 5.53
CA GLY A 106 -6.27 11.46 5.04
C GLY A 106 -5.98 11.24 3.58
N VAL A 107 -5.68 12.31 2.88
CA VAL A 107 -5.41 12.27 1.42
C VAL A 107 -3.99 12.72 1.19
N ALA A 108 -3.34 12.18 0.19
CA ALA A 108 -2.02 12.62 -0.22
C ALA A 108 -1.89 12.48 -1.77
N LYS A 109 -1.10 13.35 -2.41
CA LYS A 109 -0.91 13.33 -3.89
C LYS A 109 0.53 13.66 -4.23
N PHE A 110 1.01 13.10 -5.33
CA PHE A 110 2.27 13.50 -5.91
C PHE A 110 1.97 14.62 -6.88
N LYS A 111 2.98 15.45 -7.12
CA LYS A 111 2.87 16.57 -8.03
C LYS A 111 4.26 16.84 -8.56
N GLN A 112 4.33 17.30 -9.81
CA GLN A 112 5.57 17.73 -10.45
C GLN A 112 5.48 19.24 -10.67
N GLY A 113 6.41 19.97 -10.06
CA GLY A 113 6.43 21.44 -10.19
C GLY A 113 5.24 22.14 -9.59
N GLY A 114 5.02 23.38 -10.03
CA GLY A 114 3.96 24.22 -9.44
C GLY A 114 4.47 25.28 -8.46
N GLY A 115 3.57 26.07 -7.96
CA GLY A 115 3.96 27.18 -7.07
C GLY A 115 4.09 26.67 -5.65
N HIS A 116 4.39 27.55 -4.71
CA HIS A 116 4.56 27.17 -3.27
C HIS A 116 3.32 27.27 -2.44
N GLY A 117 2.33 28.01 -2.93
CA GLY A 117 1.04 28.09 -2.25
C GLY A 117 1.08 28.84 -0.92
N GLY A 118 1.95 29.82 -0.75
CA GLY A 118 2.25 30.39 0.54
C GLY A 118 3.06 29.56 1.54
N HIS A 119 3.44 28.33 1.21
CA HIS A 119 4.19 27.47 2.12
C HIS A 119 5.64 27.99 2.21
N ASN A 120 6.04 28.38 3.41
CA ASN A 120 7.34 29.04 3.62
C ASN A 120 8.50 28.15 3.22
N GLY A 121 8.34 26.85 3.43
CA GLY A 121 9.36 25.86 3.07
C GLY A 121 9.55 25.66 1.59
N LEU A 122 8.42 25.49 0.91
CA LEU A 122 8.42 25.41 -0.53
C LEU A 122 8.98 26.67 -1.17
N LYS A 123 8.55 27.81 -0.62
CA LYS A 123 9.02 29.10 -1.10
C LYS A 123 10.54 29.23 -1.06
N ASP A 124 11.13 28.90 0.07
CA ASP A 124 12.58 28.97 0.23
C ASP A 124 13.27 27.95 -0.63
N THR A 125 12.62 26.79 -0.82
CA THR A 125 13.23 25.74 -1.59
C THR A 125 13.46 26.19 -3.07
N ILE A 126 12.40 26.69 -3.66
CA ILE A 126 12.41 27.31 -4.98
C ILE A 126 13.56 28.36 -5.12
N SER A 127 13.66 29.28 -4.18
CA SER A 127 14.68 30.33 -4.26
C SER A 127 16.13 29.77 -4.15
N LYS A 128 16.33 28.80 -3.27
CA LYS A 128 17.67 28.28 -3.09
C LYS A 128 18.12 27.34 -4.18
N LEU A 129 17.18 26.80 -4.93
CA LEU A 129 17.50 25.97 -6.07
C LEU A 129 17.49 26.78 -7.38
N GLY A 130 17.59 28.11 -7.31
CA GLY A 130 17.80 29.00 -8.49
C GLY A 130 16.48 29.35 -9.14
N ASN A 131 15.47 29.62 -8.32
CA ASN A 131 14.13 29.88 -8.73
C ASN A 131 13.64 28.78 -9.66
N ASN A 132 13.92 27.53 -9.30
CA ASN A 132 13.51 26.38 -10.07
C ASN A 132 12.43 25.64 -9.29
N LYS A 133 11.21 25.71 -9.81
CA LYS A 133 10.02 25.08 -9.22
C LYS A 133 9.87 23.61 -9.60
N GLU A 134 10.68 23.10 -10.53
CA GLU A 134 10.35 21.86 -11.20
C GLU A 134 10.68 20.58 -10.37
N PHE A 135 10.77 20.69 -9.05
CA PHE A 135 10.99 19.51 -8.23
C PHE A 135 9.62 18.84 -7.98
N TYR A 136 9.60 17.55 -7.62
CA TYR A 136 8.37 16.86 -7.31
C TYR A 136 7.95 17.14 -5.88
N ARG A 137 6.70 16.85 -5.55
CA ARG A 137 6.22 17.12 -4.22
C ARG A 137 5.39 15.93 -3.88
N LEU A 138 5.33 15.69 -2.59
CA LEU A 138 4.39 14.77 -2.04
C LEU A 138 3.62 15.61 -1.04
N ARG A 139 2.34 15.80 -1.36
CA ARG A 139 1.49 16.77 -0.75
C ARG A 139 0.66 15.97 0.24
N LEU A 140 0.95 16.13 1.52
CA LEU A 140 0.25 15.42 2.59
C LEU A 140 -0.84 16.29 3.16
N GLY A 141 -2.09 15.92 2.87
CA GLY A 141 -3.24 16.78 3.21
C GLY A 141 -3.43 17.05 4.68
N ILE A 142 -3.58 18.33 5.02
CA ILE A 142 -3.84 18.69 6.44
C ILE A 142 -5.13 19.43 6.67
N GLY A 143 -5.91 19.63 5.63
CA GLY A 143 -7.09 20.51 5.72
C GLY A 143 -6.78 21.99 5.78
N HIS A 144 -7.81 22.79 5.78
CA HIS A 144 -7.66 24.22 5.64
C HIS A 144 -8.61 24.89 6.61
N PRO A 145 -8.20 25.94 7.36
CA PRO A 145 -9.13 26.47 8.39
C PRO A 145 -10.09 27.53 7.86
N GLY A 146 -9.93 27.95 6.64
CA GLY A 146 -11.00 28.70 5.97
C GLY A 146 -11.14 30.05 6.69
N HIS A 147 -9.99 30.65 6.98
CA HIS A 147 -9.86 32.03 7.38
C HIS A 147 -8.38 32.30 7.19
N LYS A 148 -8.08 33.20 6.29
CA LYS A 148 -6.69 33.59 6.02
C LYS A 148 -5.90 33.81 7.31
N ASP A 149 -6.46 34.55 8.27
CA ASP A 149 -5.67 34.91 9.45
C ASP A 149 -5.47 33.69 10.38
N LYS A 150 -6.25 32.63 10.22
CA LYS A 150 -6.05 31.41 11.05
C LYS A 150 -5.01 30.42 10.47
N VAL A 151 -4.53 30.63 9.24
CA VAL A 151 -3.67 29.64 8.59
C VAL A 151 -2.42 29.30 9.38
N ALA A 152 -1.65 30.27 9.84
CA ALA A 152 -0.38 29.96 10.49
C ALA A 152 -0.57 29.18 11.75
N GLY A 153 -1.51 29.62 12.57
CA GLY A 153 -1.76 28.88 13.83
C GLY A 153 -2.29 27.46 13.64
N TYR A 154 -3.04 27.26 12.57
CA TYR A 154 -3.56 25.94 12.21
C TYR A 154 -2.39 25.00 11.81
N VAL A 155 -1.52 25.48 10.94
CA VAL A 155 -0.41 24.71 10.43
C VAL A 155 0.54 24.37 11.55
N LEU A 156 0.73 25.31 12.48
CA LEU A 156 1.64 25.10 13.58
C LEU A 156 0.94 24.39 14.73
N GLY A 157 -0.30 24.02 14.56
CA GLY A 157 -1.00 23.34 15.66
C GLY A 157 -0.92 21.83 15.54
N LYS A 158 -1.45 21.15 16.53
CA LYS A 158 -1.47 19.70 16.65
C LYS A 158 -2.89 19.27 16.31
N ALA A 159 -3.03 18.34 15.37
CA ALA A 159 -4.33 17.78 15.06
C ALA A 159 -4.90 17.06 16.30
N PRO A 160 -6.22 17.08 16.48
CA PRO A 160 -6.85 16.24 17.51
C PRO A 160 -6.65 14.79 17.14
N ALA A 161 -6.79 13.91 18.12
CA ALA A 161 -6.42 12.51 17.98
C ALA A 161 -7.05 11.83 16.76
N LYS A 162 -8.34 12.06 16.55
CA LYS A 162 -9.04 11.40 15.50
C LYS A 162 -8.49 11.78 14.13
N GLU A 163 -8.27 13.07 13.96
CA GLU A 163 -7.72 13.61 12.72
C GLU A 163 -6.29 13.08 12.55
N GLN A 164 -5.54 13.01 13.63
CA GLN A 164 -4.19 12.47 13.57
C GLN A 164 -4.15 11.01 13.04
N GLU A 165 -5.14 10.17 13.36
CA GLU A 165 -5.22 8.85 12.79
C GLU A 165 -5.35 8.92 11.28
N 2CO A 166 -6.17 9.85 10.79
CA 2CO A 166 -6.30 10.02 9.33
C 2CO A 166 -4.97 10.44 8.72
O 2CO A 166 -4.53 9.94 7.70
CB 2CO A 166 -7.35 11.10 8.96
SG 2CO A 166 -9.00 10.76 9.58
OD 2CO A 166 -9.27 9.37 8.84
OE 2CO A 166 -9.40 8.23 9.63
N LEU A 167 -4.33 11.43 9.34
CA LEU A 167 -2.99 11.82 8.93
C LEU A 167 -1.98 10.64 8.92
N ASP A 168 -1.94 9.84 9.96
CA ASP A 168 -0.98 8.74 10.06
C ASP A 168 -1.25 7.66 9.02
N ALA A 169 -2.52 7.42 8.73
CA ALA A 169 -2.91 6.52 7.67
C ALA A 169 -2.39 6.98 6.28
N ALA A 170 -2.48 8.27 5.99
CA ALA A 170 -1.97 8.86 4.72
C ALA A 170 -0.47 8.84 4.65
N VAL A 171 0.19 9.01 5.79
CA VAL A 171 1.62 8.82 5.87
C VAL A 171 1.99 7.37 5.48
N ASP A 172 1.35 6.40 6.10
CA ASP A 172 1.58 4.99 5.81
C ASP A 172 1.40 4.70 4.30
N GLU A 173 0.34 5.24 3.70
CA GLU A 173 0.03 4.92 2.34
C GLU A 173 0.99 5.68 1.45
N SER A 174 1.36 6.90 1.82
CA SER A 174 2.38 7.59 1.07
C SER A 174 3.69 6.81 1.05
N VAL A 175 4.07 6.19 2.17
CA VAL A 175 5.28 5.37 2.24
C VAL A 175 5.16 4.16 1.28
N ARG A 176 4.03 3.51 1.31
CA ARG A 176 3.80 2.34 0.44
C ARG A 176 3.92 2.78 -1.01
N CYS A 177 3.39 3.95 -1.32
CA CYS A 177 3.46 4.43 -2.69
C CYS A 177 4.81 4.93 -3.13
N LEU A 178 5.60 5.48 -2.20
CA LEU A 178 7.01 5.77 -2.50
C LEU A 178 7.75 4.47 -2.81
N GLU A 179 7.43 3.40 -2.11
CA GLU A 179 8.04 2.13 -2.42
C GLU A 179 7.64 1.66 -3.84
N ILE A 180 6.35 1.77 -4.16
CA ILE A 180 5.88 1.46 -5.49
C ILE A 180 6.52 2.40 -6.52
N LEU A 181 6.68 3.67 -6.16
CA LEU A 181 7.45 4.58 -7.01
C LEU A 181 8.78 3.99 -7.45
N MET A 182 9.51 3.47 -6.48
CA MET A 182 10.84 2.99 -6.75
C MET A 182 10.81 1.68 -7.53
N LYS A 183 9.74 0.91 -7.42
CA LYS A 183 9.68 -0.34 -8.17
C LYS A 183 8.97 -0.26 -9.49
N ASP A 184 7.83 0.44 -9.54
CA ASP A 184 6.96 0.39 -10.72
C ASP A 184 6.95 1.70 -11.45
N GLY A 185 7.54 2.75 -10.88
CA GLY A 185 7.51 4.05 -11.51
C GLY A 185 6.40 4.95 -11.07
N LEU A 186 6.47 6.20 -11.51
CA LEU A 186 5.62 7.26 -10.98
C LEU A 186 4.16 7.14 -11.36
N THR A 187 3.86 6.76 -12.61
CA THR A 187 2.48 6.68 -13.05
C THR A 187 1.71 5.67 -12.22
N LYS A 188 2.35 4.53 -11.96
CA LYS A 188 1.75 3.49 -11.15
C LYS A 188 1.60 3.89 -9.68
N ALA A 189 2.65 4.47 -9.10
CA ALA A 189 2.56 5.00 -7.75
C ALA A 189 1.39 5.98 -7.63
N GLN A 190 1.37 6.97 -8.53
CA GLN A 190 0.38 8.01 -8.52
C GLN A 190 -1.05 7.47 -8.70
N ASN A 191 -1.24 6.51 -9.62
CA ASN A 191 -2.56 5.88 -9.81
C ASN A 191 -3.08 5.23 -8.54
N ARG A 192 -2.18 4.63 -7.79
CA ARG A 192 -2.59 4.11 -6.50
C ARG A 192 -2.82 5.21 -5.45
N LEU A 193 -1.85 6.10 -5.26
CA LEU A 193 -1.95 7.06 -4.14
C LEU A 193 -3.23 7.94 -4.30
N HIS A 194 -3.50 8.33 -5.56
CA HIS A 194 -4.50 9.34 -5.76
C HIS A 194 -5.91 8.83 -5.59
N THR A 195 -6.09 7.50 -5.48
CA THR A 195 -7.41 6.97 -5.05
C THR A 195 -7.60 6.77 -3.54
N PHE A 196 -6.58 7.11 -2.74
CA PHE A 196 -6.65 6.81 -1.29
C PHE A 196 -7.27 7.94 -0.49
N LYS A 197 -8.13 7.56 0.43
CA LYS A 197 -8.66 8.46 1.44
C LYS A 197 -8.74 7.60 2.67
N ALA A 198 -8.18 8.07 3.79
CA ALA A 198 -8.33 7.37 5.06
C ALA A 198 -9.73 7.56 5.70
N GLU A 199 -10.15 6.55 6.45
CA GLU A 199 -11.45 6.52 7.11
C GLU A 199 -11.68 7.72 8.05
N SER B 5 -5.06 -7.36 16.97
CA SER B 5 -6.34 -7.53 16.23
C SER B 5 -6.10 -7.89 14.74
N GLN B 6 -5.05 -8.65 14.50
CA GLN B 6 -4.88 -9.19 13.18
C GLN B 6 -4.50 -10.73 13.28
N PRO B 7 -5.49 -11.57 13.05
CA PRO B 7 -5.39 -13.02 13.25
C PRO B 7 -4.72 -13.80 12.11
N ILE B 8 -4.45 -13.13 10.99
CA ILE B 8 -4.06 -13.86 9.77
C ILE B 8 -2.60 -14.14 9.73
N LYS B 9 -2.27 -15.43 9.66
CA LYS B 9 -0.90 -15.92 9.49
C LYS B 9 -0.60 -16.48 8.09
N LEU B 10 -1.66 -16.92 7.40
CA LEU B 10 -1.59 -17.51 6.09
C LEU B 10 -2.64 -16.90 5.21
N LEU B 11 -2.20 -16.41 4.04
CA LEU B 11 -3.08 -15.99 2.95
C LEU B 11 -2.98 -16.95 1.77
N VAL B 12 -4.11 -17.56 1.40
CA VAL B 12 -4.14 -18.51 0.25
C VAL B 12 -4.83 -17.82 -0.93
N GLY B 13 -4.30 -17.98 -2.14
CA GLY B 13 -4.99 -17.52 -3.34
C GLY B 13 -5.39 -18.73 -4.23
N LEU B 14 -6.69 -19.02 -4.30
CA LEU B 14 -7.18 -20.18 -5.00
C LEU B 14 -7.07 -19.97 -6.49
N ALA B 15 -6.71 -21.05 -7.18
CA ALA B 15 -6.28 -21.01 -8.62
C ALA B 15 -6.48 -22.39 -9.24
N ASN B 16 -6.79 -22.47 -10.54
CA ASN B 16 -6.43 -23.64 -11.32
C ASN B 16 -5.05 -23.42 -11.94
N PRO B 17 -4.24 -24.48 -12.06
CA PRO B 17 -2.87 -24.33 -12.53
C PRO B 17 -2.84 -24.25 -14.07
N GLY B 18 -1.73 -23.72 -14.61
CA GLY B 18 -1.45 -23.67 -16.05
C GLY B 18 -1.64 -22.30 -16.72
N PRO B 19 -0.76 -21.96 -17.72
CA PRO B 19 -0.82 -20.77 -18.63
C PRO B 19 -2.18 -20.45 -19.24
N GLU B 20 -2.90 -21.49 -19.66
CA GLU B 20 -4.29 -21.37 -20.15
C GLU B 20 -5.33 -20.81 -19.10
N TYR B 21 -5.35 -21.36 -17.87
CA TYR B 21 -6.39 -21.07 -16.87
C TYR B 21 -5.98 -19.89 -15.97
N ALA B 22 -4.72 -19.45 -16.13
CA ALA B 22 -4.14 -18.26 -15.44
C ALA B 22 -5.10 -17.06 -15.29
N LYS B 23 -5.82 -16.75 -16.39
CA LYS B 23 -6.67 -15.52 -16.48
C LYS B 23 -8.17 -15.73 -16.63
N THR B 24 -8.64 -16.90 -16.18
CA THR B 24 -10.02 -17.16 -15.99
C THR B 24 -10.46 -16.69 -14.57
N ARG B 25 -11.77 -16.49 -14.44
CA ARG B 25 -12.35 -15.87 -13.27
C ARG B 25 -12.08 -16.68 -12.02
N HIS B 26 -11.96 -18.01 -12.17
CA HIS B 26 -11.76 -18.96 -11.07
C HIS B 26 -10.37 -18.75 -10.43
N ASN B 27 -9.49 -17.99 -11.06
CA ASN B 27 -8.17 -17.69 -10.49
C ASN B 27 -8.08 -16.32 -9.78
N ALA B 28 -9.21 -15.66 -9.57
CA ALA B 28 -9.24 -14.35 -8.93
C ALA B 28 -8.39 -14.24 -7.64
N GLY B 29 -8.52 -15.22 -6.76
CA GLY B 29 -7.82 -15.25 -5.47
C GLY B 29 -6.33 -15.18 -5.71
N ALA B 30 -5.88 -16.00 -6.66
CA ALA B 30 -4.49 -16.04 -7.07
C ALA B 30 -4.00 -14.70 -7.54
N TRP B 31 -4.81 -13.94 -8.23
CA TRP B 31 -4.28 -12.68 -8.75
C TRP B 31 -3.88 -11.80 -7.55
N VAL B 32 -4.70 -11.80 -6.51
CA VAL B 32 -4.42 -10.95 -5.37
C VAL B 32 -3.09 -11.35 -4.74
N VAL B 33 -2.94 -12.64 -4.45
CA VAL B 33 -1.72 -13.12 -3.83
C VAL B 33 -0.45 -12.86 -4.67
N GLU B 34 -0.54 -13.12 -5.98
CA GLU B 34 0.53 -12.84 -6.89
C GLU B 34 0.94 -11.35 -6.86
N GLU B 35 -0.05 -10.46 -6.86
CA GLU B 35 0.25 -9.00 -6.86
C GLU B 35 0.78 -8.55 -5.48
N LEU B 36 0.24 -9.07 -4.37
CA LEU B 36 0.78 -8.71 -3.06
C LEU B 36 2.23 -9.12 -2.96
N ALA B 37 2.50 -10.37 -3.32
CA ALA B 37 3.86 -10.89 -3.37
C ALA B 37 4.76 -9.95 -4.23
N ARG B 38 4.36 -9.69 -5.45
CA ARG B 38 5.19 -8.87 -6.35
C ARG B 38 5.56 -7.55 -5.69
N ILE B 39 4.55 -6.81 -5.23
CA ILE B 39 4.75 -5.54 -4.55
C ILE B 39 5.76 -5.64 -3.41
N HIS B 40 5.74 -6.75 -2.67
CA HIS B 40 6.64 -6.93 -1.57
C HIS B 40 7.93 -7.64 -1.91
N ASN B 41 8.30 -7.63 -3.20
CA ASN B 41 9.53 -8.24 -3.69
C ASN B 41 9.79 -9.70 -3.44
N VAL B 42 8.76 -10.51 -3.59
CA VAL B 42 8.90 -11.91 -3.28
C VAL B 42 8.43 -12.66 -4.48
N THR B 43 9.25 -13.57 -4.99
CA THR B 43 8.78 -14.45 -6.03
C THR B 43 8.37 -15.72 -5.36
N LEU B 44 7.26 -16.24 -5.81
CA LEU B 44 6.68 -17.39 -5.17
C LEU B 44 7.49 -18.55 -5.72
N LYS B 45 7.72 -19.55 -4.90
CA LYS B 45 8.54 -20.67 -5.30
C LYS B 45 7.68 -21.92 -5.27
N ASN B 46 7.83 -22.77 -6.27
CA ASN B 46 7.16 -24.03 -6.30
C ASN B 46 7.71 -24.93 -5.18
N GLU B 47 6.80 -25.49 -4.36
CA GLU B 47 7.13 -26.37 -3.23
C GLU B 47 6.21 -27.57 -3.29
N PRO B 48 6.71 -28.62 -3.93
CA PRO B 48 5.89 -29.80 -4.10
C PRO B 48 5.29 -30.38 -2.82
N LYS B 49 5.97 -30.28 -1.69
CA LYS B 49 5.44 -30.79 -0.42
C LYS B 49 4.19 -30.07 0.05
N PHE B 50 4.00 -28.83 -0.43
CA PHE B 50 2.78 -28.08 -0.17
C PHE B 50 1.83 -27.94 -1.37
N PHE B 51 2.12 -28.67 -2.44
CA PHE B 51 1.31 -28.71 -3.66
C PHE B 51 0.97 -27.28 -4.13
N GLY B 52 1.95 -26.37 -4.10
CA GLY B 52 1.69 -25.04 -4.60
C GLY B 52 2.90 -24.14 -4.62
N LEU B 53 2.65 -22.90 -5.01
CA LEU B 53 3.68 -21.87 -5.03
C LEU B 53 3.64 -21.16 -3.70
N THR B 54 4.79 -20.89 -3.10
CA THR B 54 4.80 -20.37 -1.77
C THR B 54 5.74 -19.19 -1.60
N GLY B 55 5.47 -18.43 -0.55
CA GLY B 55 6.31 -17.29 -0.15
C GLY B 55 6.07 -16.92 1.30
N ARG B 56 6.90 -16.00 1.76
CA ARG B 56 6.89 -15.52 3.13
C ARG B 56 7.11 -14.00 3.03
N LEU B 57 6.15 -13.25 3.53
CA LEU B 57 6.25 -11.81 3.56
C LEU B 57 6.40 -11.37 4.99
N LEU B 58 7.18 -10.31 5.21
CA LEU B 58 7.26 -9.62 6.50
C LEU B 58 6.68 -8.24 6.28
N ILE B 59 5.52 -7.98 6.86
CA ILE B 59 4.88 -6.68 6.68
C ILE B 59 4.58 -6.10 8.03
N ASN B 60 5.07 -4.88 8.26
CA ASN B 60 4.91 -4.26 9.54
C ASN B 60 5.59 -5.24 10.52
N SER B 61 4.98 -5.59 11.61
CA SER B 61 5.78 -6.40 12.48
C SER B 61 5.52 -7.87 12.22
N GLN B 62 5.21 -8.31 10.99
CA GLN B 62 4.51 -9.60 10.90
C GLN B 62 4.72 -10.48 9.72
N GLU B 63 4.96 -11.74 10.01
CA GLU B 63 5.17 -12.76 9.01
C GLU B 63 3.80 -13.14 8.50
N LEU B 64 3.65 -13.08 7.19
CA LEU B 64 2.50 -13.63 6.52
C LEU B 64 3.02 -14.58 5.47
N ARG B 65 2.69 -15.86 5.63
CA ARG B 65 2.90 -16.87 4.60
C ARG B 65 1.81 -16.75 3.52
N VAL B 66 2.22 -16.93 2.26
CA VAL B 66 1.31 -16.95 1.08
C VAL B 66 1.45 -18.26 0.29
N LEU B 67 0.32 -18.70 -0.28
CA LEU B 67 0.23 -19.96 -0.99
C LEU B 67 -0.76 -19.80 -2.10
N ILE B 68 -0.35 -20.19 -3.31
CA ILE B 68 -1.24 -20.47 -4.45
C ILE B 68 -1.13 -21.94 -4.80
N PRO B 69 -2.16 -22.72 -4.51
CA PRO B 69 -2.06 -24.13 -4.83
C PRO B 69 -1.90 -24.31 -6.31
N THR B 70 -1.21 -25.38 -6.68
CA THR B 70 -1.05 -25.76 -8.08
C THR B 70 -1.77 -27.09 -8.30
N THR B 71 -2.53 -27.55 -7.30
CA THR B 71 -3.41 -28.70 -7.47
C THR B 71 -4.57 -28.29 -8.39
N PHE B 72 -5.39 -29.25 -8.79
CA PHE B 72 -6.69 -28.86 -9.33
C PHE B 72 -7.41 -28.05 -8.26
N MET B 73 -8.33 -27.20 -8.66
CA MET B 73 -9.00 -26.34 -7.71
C MET B 73 -9.73 -27.12 -6.62
N ASN B 74 -10.33 -28.25 -7.00
CA ASN B 74 -11.06 -29.09 -6.02
C ASN B 74 -10.23 -29.88 -5.02
N LEU B 75 -8.91 -29.84 -5.15
CA LEU B 75 -7.99 -30.41 -4.18
C LEU B 75 -7.21 -29.36 -3.43
N SER B 76 -7.65 -28.10 -3.51
CA SER B 76 -7.02 -26.98 -2.82
C SER B 76 -6.76 -27.29 -1.34
N GLY B 77 -7.69 -27.95 -0.70
CA GLY B 77 -7.50 -28.24 0.73
C GLY B 77 -6.26 -29.05 1.05
N LYS B 78 -5.87 -29.93 0.14
CA LYS B 78 -4.65 -30.71 0.28
C LYS B 78 -3.45 -29.76 0.49
N ALA B 79 -3.35 -28.74 -0.35
CA ALA B 79 -2.26 -27.80 -0.22
C ALA B 79 -2.37 -26.95 1.03
N ILE B 80 -3.53 -26.39 1.27
CA ILE B 80 -3.69 -25.56 2.44
C ILE B 80 -3.41 -26.39 3.74
N ALA B 81 -4.03 -27.55 3.87
CA ALA B 81 -3.81 -28.42 5.06
C ALA B 81 -2.34 -28.79 5.27
N ALA B 82 -1.61 -29.03 4.18
CA ALA B 82 -0.23 -29.47 4.25
C ALA B 82 0.65 -28.37 4.81
N LEU B 83 0.49 -27.18 4.25
CA LEU B 83 1.21 -26.02 4.74
C LEU B 83 0.78 -25.57 6.16
N ALA B 84 -0.52 -25.49 6.44
CA ALA B 84 -0.99 -25.17 7.81
C ALA B 84 -0.54 -26.14 8.90
N ASN B 85 -0.51 -27.43 8.58
CA ASN B 85 0.07 -28.42 9.45
C ASN B 85 1.56 -28.23 9.64
N PHE B 86 2.27 -27.92 8.56
CA PHE B 86 3.71 -27.86 8.67
C PHE B 86 4.09 -26.76 9.61
N TYR B 87 3.44 -25.60 9.51
CA TYR B 87 3.72 -24.43 10.39
C TYR B 87 2.78 -24.27 11.64
N GLN B 88 1.96 -25.29 11.90
CA GLN B 88 0.93 -25.29 12.98
C GLN B 88 0.13 -23.96 13.02
N ILE B 89 -0.51 -23.67 11.91
CA ILE B 89 -1.38 -22.53 11.76
C ILE B 89 -2.79 -23.07 11.81
N LYS B 90 -3.66 -22.44 12.59
CA LYS B 90 -5.02 -22.97 12.80
C LYS B 90 -5.96 -22.43 11.72
N PRO B 91 -7.07 -23.12 11.45
CA PRO B 91 -7.97 -22.56 10.41
C PRO B 91 -8.37 -21.12 10.61
N GLU B 92 -8.59 -20.73 11.88
CA GLU B 92 -9.03 -19.36 12.20
C GLU B 92 -7.89 -18.35 12.00
N GLU B 93 -6.74 -18.85 11.56
CA GLU B 93 -5.60 -18.01 11.26
C GLU B 93 -5.27 -17.93 9.74
N ILE B 94 -6.19 -18.45 8.94
CA ILE B 94 -5.99 -18.54 7.48
C ILE B 94 -6.94 -17.57 6.82
N MET B 95 -6.49 -16.86 5.78
CA MET B 95 -7.43 -16.17 4.89
C MET B 95 -7.30 -16.70 3.48
N VAL B 96 -8.44 -17.09 2.91
CA VAL B 96 -8.49 -17.72 1.60
C VAL B 96 -9.15 -16.75 0.62
N ALA B 97 -8.37 -16.26 -0.32
CA ALA B 97 -8.90 -15.40 -1.32
C ALA B 97 -9.47 -16.25 -2.45
N HIS B 98 -10.67 -15.90 -2.88
CA HIS B 98 -11.33 -16.68 -3.92
C HIS B 98 -12.32 -15.86 -4.75
N ASP B 99 -12.56 -16.37 -5.95
CA ASP B 99 -13.69 -15.93 -6.76
C ASP B 99 -15.06 -16.12 -6.10
N GLU B 100 -15.89 -15.08 -6.19
CA GLU B 100 -17.21 -15.05 -5.56
C GLU B 100 -18.32 -14.69 -6.55
N LEU B 101 -19.11 -15.69 -6.87
CA LEU B 101 -20.25 -15.58 -7.78
C LEU B 101 -21.34 -14.63 -7.31
N ASP B 102 -21.48 -14.51 -5.99
CA ASP B 102 -22.57 -13.73 -5.38
C ASP B 102 -22.28 -12.25 -5.27
N LEU B 103 -21.09 -11.83 -5.71
CA LEU B 103 -20.75 -10.42 -5.82
C LEU B 103 -20.36 -10.04 -7.23
N PRO B 104 -20.64 -8.78 -7.60
CA PRO B 104 -20.30 -8.33 -8.93
C PRO B 104 -18.78 -8.08 -9.07
N PRO B 105 -18.26 -8.08 -10.32
CA PRO B 105 -16.91 -7.63 -10.59
C PRO B 105 -16.77 -6.24 -10.00
N GLY B 106 -15.65 -5.95 -9.37
CA GLY B 106 -15.40 -4.59 -8.89
C GLY B 106 -15.67 -4.42 -7.42
N VAL B 107 -16.13 -5.48 -6.76
CA VAL B 107 -16.41 -5.45 -5.35
C VAL B 107 -15.64 -6.60 -4.72
N ALA B 108 -15.33 -6.43 -3.47
CA ALA B 108 -14.60 -7.40 -2.69
C ALA B 108 -14.92 -7.25 -1.20
N LYS B 109 -14.89 -8.36 -0.49
CA LYS B 109 -15.25 -8.31 0.89
C LYS B 109 -14.44 -9.35 1.64
N PHE B 110 -14.13 -9.03 2.92
CA PHE B 110 -13.64 -10.01 3.90
C PHE B 110 -14.82 -10.61 4.65
N LYS B 111 -14.72 -11.90 4.99
CA LYS B 111 -15.69 -12.59 5.82
C LYS B 111 -15.02 -13.67 6.68
N GLN B 112 -15.61 -14.01 7.83
CA GLN B 112 -15.14 -15.18 8.58
C GLN B 112 -16.23 -16.20 8.66
N GLY B 113 -15.88 -17.45 8.35
CA GLY B 113 -16.83 -18.55 8.40
C GLY B 113 -17.81 -18.48 7.23
N GLY B 114 -18.85 -19.31 7.30
CA GLY B 114 -19.85 -19.40 6.25
C GLY B 114 -19.68 -20.67 5.43
N GLY B 115 -20.54 -20.83 4.44
CA GLY B 115 -20.55 -22.04 3.62
C GLY B 115 -19.56 -21.92 2.47
N HIS B 116 -19.51 -22.98 1.64
CA HIS B 116 -18.64 -22.99 0.46
C HIS B 116 -19.31 -22.34 -0.76
N GLY B 117 -20.64 -22.19 -0.73
CA GLY B 117 -21.34 -21.59 -1.87
C GLY B 117 -21.17 -22.38 -3.18
N GLY B 118 -21.00 -23.69 -3.06
CA GLY B 118 -20.67 -24.55 -4.19
C GLY B 118 -19.30 -24.36 -4.80
N HIS B 119 -18.43 -23.60 -4.16
CA HIS B 119 -17.09 -23.35 -4.72
C HIS B 119 -16.22 -24.56 -4.35
N ASN B 120 -15.69 -25.25 -5.36
CA ASN B 120 -14.95 -26.50 -5.19
C ASN B 120 -13.73 -26.38 -4.28
N GLY B 121 -13.09 -25.23 -4.37
CA GLY B 121 -11.93 -24.89 -3.56
C GLY B 121 -12.30 -24.72 -2.10
N LEU B 122 -13.31 -23.92 -1.82
CA LEU B 122 -13.73 -23.73 -0.45
C LEU B 122 -14.29 -25.06 0.18
N LYS B 123 -15.07 -25.80 -0.58
CA LYS B 123 -15.59 -27.11 -0.10
C LYS B 123 -14.43 -27.98 0.33
N ASP B 124 -13.41 -28.09 -0.51
CA ASP B 124 -12.29 -28.96 -0.17
C ASP B 124 -11.53 -28.42 1.02
N THR B 125 -11.34 -27.10 1.09
CA THR B 125 -10.67 -26.48 2.22
C THR B 125 -11.38 -26.82 3.57
N ILE B 126 -12.69 -26.64 3.63
CA ILE B 126 -13.48 -26.96 4.82
C ILE B 126 -13.26 -28.41 5.21
N SER B 127 -13.37 -29.29 4.22
CA SER B 127 -13.20 -30.72 4.45
C SER B 127 -11.82 -31.04 5.05
N LYS B 128 -10.79 -30.55 4.37
CA LYS B 128 -9.43 -30.91 4.69
C LYS B 128 -8.89 -30.18 5.90
N LEU B 129 -9.63 -29.22 6.43
CA LEU B 129 -9.22 -28.54 7.64
C LEU B 129 -10.01 -29.10 8.85
N GLY B 130 -10.49 -30.34 8.74
CA GLY B 130 -11.30 -31.01 9.79
C GLY B 130 -12.77 -30.55 9.86
N ASN B 131 -13.37 -30.42 8.71
CA ASN B 131 -14.74 -29.93 8.67
C ASN B 131 -14.91 -28.60 9.42
N ASN B 132 -13.96 -27.70 9.20
CA ASN B 132 -13.91 -26.42 9.88
C ASN B 132 -13.97 -25.22 8.94
N LYS B 133 -15.05 -24.45 9.09
CA LYS B 133 -15.36 -23.31 8.25
C LYS B 133 -14.80 -22.04 8.77
N GLU B 134 -14.29 -22.02 10.00
CA GLU B 134 -14.03 -20.76 10.66
C GLU B 134 -12.79 -20.05 10.10
N PHE B 135 -12.33 -20.45 8.91
CA PHE B 135 -11.26 -19.67 8.27
C PHE B 135 -11.79 -18.37 7.65
N TYR B 136 -10.91 -17.40 7.47
CA TYR B 136 -11.29 -16.12 6.88
C TYR B 136 -11.26 -16.22 5.35
N ARG B 137 -12.01 -15.35 4.66
CA ARG B 137 -12.05 -15.34 3.23
C ARG B 137 -11.99 -13.91 2.74
N LEU B 138 -11.36 -13.78 1.59
CA LEU B 138 -11.36 -12.57 0.82
C LEU B 138 -12.11 -12.91 -0.42
N ARG B 139 -13.35 -12.45 -0.45
CA ARG B 139 -14.32 -12.82 -1.47
C ARG B 139 -14.21 -11.79 -2.60
N LEU B 140 -13.75 -12.23 -3.76
CA LEU B 140 -13.51 -11.32 -4.92
C LEU B 140 -14.63 -11.50 -5.96
N GLY B 141 -15.50 -10.51 -6.06
CA GLY B 141 -16.73 -10.62 -6.86
C GLY B 141 -16.40 -10.86 -8.31
N ILE B 142 -17.03 -11.88 -8.87
CA ILE B 142 -16.89 -12.18 -10.32
C ILE B 142 -18.21 -12.12 -11.11
N GLY B 143 -19.31 -11.77 -10.45
CA GLY B 143 -20.62 -11.84 -11.06
C GLY B 143 -21.01 -13.29 -11.34
N HIS B 144 -22.13 -13.46 -12.03
CA HIS B 144 -22.71 -14.76 -12.31
C HIS B 144 -23.36 -14.83 -13.68
N PRO B 145 -23.61 -16.04 -14.18
CA PRO B 145 -24.31 -16.16 -15.46
C PRO B 145 -25.82 -16.02 -15.31
N GLY B 146 -26.50 -15.84 -16.44
CA GLY B 146 -27.97 -15.86 -16.48
C GLY B 146 -28.56 -17.18 -16.02
N HIS B 147 -27.98 -18.31 -16.43
CA HIS B 147 -28.54 -19.60 -16.05
C HIS B 147 -27.57 -20.42 -15.19
N LYS B 148 -28.13 -21.06 -14.18
CA LYS B 148 -27.39 -21.79 -13.15
C LYS B 148 -26.62 -23.03 -13.67
N ASP B 149 -27.18 -23.68 -14.70
CA ASP B 149 -26.46 -24.72 -15.42
C ASP B 149 -25.22 -24.17 -16.18
N LYS B 150 -25.13 -22.84 -16.37
CA LYS B 150 -23.98 -22.21 -17.05
C LYS B 150 -22.86 -21.77 -16.09
N VAL B 151 -23.03 -22.01 -14.80
CA VAL B 151 -22.06 -21.58 -13.75
C VAL B 151 -20.59 -22.01 -14.00
N ALA B 152 -20.35 -23.33 -14.15
CA ALA B 152 -18.95 -23.81 -14.35
C ALA B 152 -18.26 -23.17 -15.58
N GLY B 153 -18.95 -23.10 -16.72
CA GLY B 153 -18.36 -22.46 -17.88
C GLY B 153 -18.07 -20.97 -17.72
N TYR B 154 -18.87 -20.31 -16.89
CA TYR B 154 -18.69 -18.88 -16.59
C TYR B 154 -17.43 -18.71 -15.76
N VAL B 155 -17.39 -19.46 -14.69
CA VAL B 155 -16.24 -19.44 -13.76
C VAL B 155 -14.92 -19.84 -14.44
N LEU B 156 -15.01 -20.79 -15.37
CA LEU B 156 -13.85 -21.23 -16.10
C LEU B 156 -13.60 -20.40 -17.36
N GLY B 157 -14.31 -19.31 -17.53
CA GLY B 157 -14.06 -18.50 -18.72
C GLY B 157 -13.28 -17.26 -18.35
N LYS B 158 -12.81 -16.55 -19.38
CA LYS B 158 -12.17 -15.26 -19.27
C LYS B 158 -13.19 -14.15 -19.29
N ALA B 159 -13.15 -13.24 -18.31
CA ALA B 159 -14.07 -12.10 -18.29
C ALA B 159 -13.84 -11.30 -19.54
N PRO B 160 -14.88 -10.66 -20.06
CA PRO B 160 -14.59 -9.64 -21.06
C PRO B 160 -13.81 -8.46 -20.46
N ALA B 161 -13.20 -7.67 -21.34
CA ALA B 161 -12.34 -6.56 -20.95
C ALA B 161 -13.02 -5.65 -19.94
N LYS B 162 -14.25 -5.23 -20.26
CA LYS B 162 -15.01 -4.35 -19.36
C LYS B 162 -15.03 -4.88 -17.93
N GLU B 163 -15.37 -6.16 -17.78
CA GLU B 163 -15.46 -6.78 -16.45
C GLU B 163 -14.08 -6.93 -15.83
N GLN B 164 -13.08 -7.29 -16.65
CA GLN B 164 -11.71 -7.45 -16.18
C GLN B 164 -11.09 -6.17 -15.61
N GLU B 165 -11.29 -4.99 -16.22
CA GLU B 165 -10.90 -3.74 -15.55
C GLU B 165 -11.43 -3.65 -14.12
N 2CO B 166 -12.69 -4.00 -13.90
CA 2CO B 166 -13.33 -3.96 -12.59
C 2CO B 166 -12.71 -4.99 -11.67
O 2CO B 166 -12.42 -4.71 -10.52
CB 2CO B 166 -14.84 -4.17 -12.70
SG 2CO B 166 -15.53 -2.74 -13.51
OD 2CO B 166 -17.06 -3.29 -13.64
OE 2CO B 166 -17.30 -4.08 -14.72
N LEU B 167 -12.50 -6.20 -12.16
CA LEU B 167 -11.76 -7.22 -11.43
C LEU B 167 -10.35 -6.75 -10.96
N ASP B 168 -9.59 -6.23 -11.92
CA ASP B 168 -8.23 -5.74 -11.65
C ASP B 168 -8.26 -4.60 -10.62
N ALA B 169 -9.24 -3.72 -10.71
CA ALA B 169 -9.41 -2.67 -9.69
C ALA B 169 -9.67 -3.27 -8.30
N ALA B 170 -10.49 -4.31 -8.22
CA ALA B 170 -10.79 -4.94 -6.91
C ALA B 170 -9.56 -5.71 -6.37
N VAL B 171 -8.78 -6.31 -7.28
CA VAL B 171 -7.51 -6.92 -6.90
C VAL B 171 -6.56 -5.90 -6.30
N ASP B 172 -6.35 -4.78 -6.99
CA ASP B 172 -5.47 -3.74 -6.48
C ASP B 172 -5.91 -3.21 -5.11
N GLU B 173 -7.22 -3.01 -4.92
CA GLU B 173 -7.67 -2.44 -3.68
C GLU B 173 -7.58 -3.49 -2.58
N SER B 174 -7.81 -4.78 -2.95
CA SER B 174 -7.65 -5.89 -2.00
C SER B 174 -6.25 -6.02 -1.45
N VAL B 175 -5.26 -5.79 -2.32
CA VAL B 175 -3.89 -5.87 -1.94
C VAL B 175 -3.65 -4.69 -0.95
N ARG B 176 -4.09 -3.47 -1.31
CA ARG B 176 -3.98 -2.35 -0.37
C ARG B 176 -4.64 -2.67 1.00
N CYS B 177 -5.86 -3.18 0.98
CA CYS B 177 -6.53 -3.51 2.26
C CYS B 177 -5.84 -4.64 3.04
N LEU B 178 -5.13 -5.54 2.36
CA LEU B 178 -4.36 -6.56 3.03
C LEU B 178 -3.12 -5.95 3.71
N GLU B 179 -2.48 -4.99 3.07
CA GLU B 179 -1.37 -4.26 3.68
C GLU B 179 -1.83 -3.51 4.91
N ILE B 180 -3.00 -2.88 4.81
CA ILE B 180 -3.61 -2.15 5.95
C ILE B 180 -3.98 -3.10 7.05
N LEU B 181 -4.54 -4.27 6.71
CA LEU B 181 -4.80 -5.32 7.69
C LEU B 181 -3.54 -5.52 8.54
N MET B 182 -2.41 -5.68 7.85
CA MET B 182 -1.20 -5.99 8.56
C MET B 182 -0.78 -4.84 9.47
N LYS B 183 -1.06 -3.60 9.07
CA LYS B 183 -0.63 -2.44 9.86
C LYS B 183 -1.65 -2.02 10.90
N ASP B 184 -2.95 -2.00 10.53
CA ASP B 184 -3.99 -1.41 11.37
C ASP B 184 -5.00 -2.40 11.88
N GLY B 185 -4.89 -3.66 11.41
CA GLY B 185 -5.80 -4.74 11.85
C GLY B 185 -7.06 -4.96 11.01
N LEU B 186 -7.84 -5.99 11.35
CA LEU B 186 -8.94 -6.42 10.49
C LEU B 186 -10.08 -5.44 10.39
N THR B 187 -10.42 -4.82 11.53
CA THR B 187 -11.60 -3.99 11.60
C THR B 187 -11.46 -2.79 10.68
N LYS B 188 -10.29 -2.15 10.70
CA LYS B 188 -9.99 -1.00 9.79
C LYS B 188 -9.90 -1.42 8.31
N ALA B 189 -9.29 -2.57 8.06
CA ALA B 189 -9.14 -3.11 6.71
C ALA B 189 -10.50 -3.49 6.11
N GLN B 190 -11.30 -4.17 6.92
CA GLN B 190 -12.63 -4.56 6.51
C GLN B 190 -13.53 -3.35 6.25
N ASN B 191 -13.49 -2.33 7.12
CA ASN B 191 -14.36 -1.20 6.91
C ASN B 191 -14.01 -0.47 5.61
N ARG B 192 -12.72 -0.41 5.32
CA ARG B 192 -12.29 0.17 4.08
C ARG B 192 -12.71 -0.65 2.84
N LEU B 193 -12.50 -1.96 2.90
CA LEU B 193 -12.72 -2.74 1.70
C LEU B 193 -14.18 -2.75 1.37
N HIS B 194 -15.01 -2.77 2.40
CA HIS B 194 -16.46 -2.87 2.18
C HIS B 194 -17.13 -1.60 1.78
N THR B 195 -16.40 -0.51 1.71
CA THR B 195 -16.90 0.70 1.04
C THR B 195 -16.33 0.84 -0.40
N PHE B 196 -15.41 0.00 -0.81
CA PHE B 196 -14.90 0.08 -2.18
C PHE B 196 -15.92 -0.51 -3.19
N LYS B 197 -16.12 0.18 -4.30
CA LYS B 197 -16.77 -0.42 -5.46
C LYS B 197 -16.11 0.12 -6.70
N ALA B 198 -15.65 -0.74 -7.60
CA ALA B 198 -15.18 -0.30 -8.93
C ALA B 198 -16.37 -0.49 -9.83
N GLU B 199 -16.67 0.50 -10.65
CA GLU B 199 -17.85 0.42 -11.53
C GLU B 199 -17.49 0.74 -12.96
CAC FLC C . 7.12 28.50 9.56
CA FLC C . 8.37 29.35 9.68
CB FLC C . 8.53 29.82 11.12
CBC FLC C . 9.01 28.67 11.96
CG FLC C . 9.54 30.95 11.21
CGC FLC C . 9.75 31.33 12.66
OA1 FLC C . 6.41 28.63 8.54
OA2 FLC C . 6.85 27.71 10.49
OB1 FLC C . 8.31 28.32 12.95
OB2 FLC C . 10.07 28.09 11.65
OG1 FLC C . 8.81 31.15 13.46
OG2 FLC C . 10.85 31.83 13.01
OHB FLC C . 7.27 30.27 11.61
CAC FLC D . -10.76 -30.67 -12.89
CA FLC D . -11.78 -30.14 -11.91
CB FLC D . -11.60 -28.64 -11.73
CBC FLC D . -12.11 -27.94 -12.97
CG FLC D . -12.39 -28.14 -10.53
CGC FLC D . -12.26 -26.64 -10.43
OA1 FLC D . -10.55 -30.01 -13.94
OA2 FLC D . -10.16 -31.72 -12.62
OB1 FLC D . -13.29 -28.09 -13.31
OB2 FLC D . -11.30 -27.23 -13.62
OG1 FLC D . -13.18 -25.99 -9.89
OG2 FLC D . -11.24 -26.09 -10.91
OHB FLC D . -10.22 -28.35 -11.55
#